data_5U61
#
_entry.id   5U61
#
_cell.length_a   51.032
_cell.length_b   74.782
_cell.length_c   106.831
_cell.angle_alpha   90.000
_cell.angle_beta   90.000
_cell.angle_gamma   90.000
#
_symmetry.space_group_name_H-M   'P 21 21 21'
#
loop_
_entity.id
_entity.type
_entity.pdbx_description
1 polymer Peroxidase
2 non-polymer 'PROTOPORPHYRIN IX CONTAINING FE'
3 non-polymer 5-cyclopropyl-1H-imidazol-2-amine
4 water water
#
_entity_poly.entity_id   1
_entity_poly.type   'polypeptide(L)'
_entity_poly.pdbx_seq_one_letter_code
;LVHVASVEKGRSYEDFQKVYNAIALKLREDDEYDNYIGYGPVLVRLAWHISGTWDKHDNTGGSYGGTYRFKKEFNDPSNA
GLQNGFKFLEPIHKEFPWISSGDLFSLGGVTAVQEMQGPKIPWRCGRVDTPEDTTPDNGRLPDADKDAGYVRTFFQRLNM
NDREVVALMGAHALGKTHLKNSGYEGGGANNVFTNEFYLNLLNEDWKLEKNDANNEQWDSKSGYMMLPTDYSLIQDPKYL
SIVKEYANDQDKFFKDFSKAFEKLLENGITFPKDAPSPFIFKTLEEQGL
;
_entity_poly.pdbx_strand_id   A
#
loop_
_chem_comp.id
_chem_comp.type
_chem_comp.name
_chem_comp.formula
7WG non-polymer 5-cyclopropyl-1H-imidazol-2-amine 'C6 H9 N3'
HEM non-polymer 'PROTOPORPHYRIN IX CONTAINING FE' 'C34 H32 Fe N4 O4'
#
# COMPACT_ATOMS: atom_id res chain seq x y z
N LEU A 1 -7.32 11.54 21.14
CA LEU A 1 -6.89 12.35 20.00
C LEU A 1 -7.81 12.14 18.80
N VAL A 2 -8.48 13.19 18.35
CA VAL A 2 -9.52 13.09 17.34
C VAL A 2 -9.16 13.86 16.08
N HIS A 3 -9.29 13.19 14.94
CA HIS A 3 -9.03 13.80 13.64
C HIS A 3 -10.32 13.76 12.84
N VAL A 4 -10.96 14.92 12.69
CA VAL A 4 -12.23 14.99 11.97
C VAL A 4 -11.99 15.35 10.51
N ALA A 5 -12.52 14.51 9.63
CA ALA A 5 -12.43 14.78 8.20
C ALA A 5 -13.10 16.10 7.86
N SER A 6 -12.40 16.92 7.08
CA SER A 6 -12.89 18.22 6.66
C SER A 6 -12.70 18.35 5.15
N VAL A 7 -13.80 18.35 4.41
CA VAL A 7 -13.75 18.36 2.96
C VAL A 7 -13.05 19.64 2.48
N GLU A 8 -12.08 19.49 1.58
CA GLU A 8 -11.45 20.64 0.95
C GLU A 8 -12.52 21.58 0.41
N LYS A 9 -12.37 22.87 0.72
CA LYS A 9 -13.46 23.81 0.59
C LYS A 9 -14.10 23.81 -0.79
N GLY A 10 -15.39 23.47 -0.82
CA GLY A 10 -16.18 23.53 -2.04
C GLY A 10 -15.99 22.36 -3.00
N ARG A 11 -15.14 21.40 -2.65
CA ARG A 11 -14.80 20.32 -3.58
C ARG A 11 -15.81 19.17 -3.52
N SER A 12 -15.94 18.48 -4.65
CA SER A 12 -16.86 17.36 -4.77
C SER A 12 -16.23 16.27 -5.64
N TYR A 13 -17.02 15.23 -5.90
CA TYR A 13 -16.53 14.08 -6.63
C TYR A 13 -15.75 14.45 -7.88
N GLU A 14 -16.28 15.37 -8.67
CA GLU A 14 -15.65 15.72 -9.95
C GLU A 14 -14.24 16.28 -9.76
N ASP A 15 -14.02 17.06 -8.71
CA ASP A 15 -12.69 17.58 -8.42
C ASP A 15 -11.70 16.44 -8.19
N PHE A 16 -12.10 15.47 -7.39
CA PHE A 16 -11.21 14.37 -7.05
C PHE A 16 -11.03 13.43 -8.24
N GLN A 17 -12.05 13.28 -9.08
CA GLN A 17 -11.87 12.49 -10.29
C GLN A 17 -10.83 13.13 -11.20
N LYS A 18 -10.77 14.47 -11.21
CA LYS A 18 -9.74 15.14 -12.00
C LYS A 18 -8.34 14.84 -11.45
N VAL A 19 -8.19 14.78 -10.14
CA VAL A 19 -6.90 14.47 -9.53
C VAL A 19 -6.52 13.02 -9.85
N TYR A 20 -7.47 12.12 -9.65
CA TYR A 20 -7.33 10.70 -10.05
C TYR A 20 -6.84 10.63 -11.49
N ASN A 21 -7.52 11.33 -12.39
CA ASN A 21 -7.16 11.25 -13.79
C ASN A 21 -5.74 11.75 -14.05
N ALA A 22 -5.35 12.83 -13.37
CA ALA A 22 -4.00 13.34 -13.55
C ALA A 22 -2.96 12.33 -13.09
N ILE A 23 -3.20 11.67 -11.95
CA ILE A 23 -2.31 10.63 -11.47
C ILE A 23 -2.27 9.48 -12.49
N ALA A 24 -3.44 9.07 -12.95
CA ALA A 24 -3.53 7.93 -13.86
C ALA A 24 -2.86 8.20 -15.18
N LEU A 25 -3.03 9.42 -15.68
CA LEU A 25 -2.39 9.81 -16.93
C LEU A 25 -0.86 9.83 -16.80
N LYS A 26 -0.37 10.29 -15.65
CA LYS A 26 1.07 10.32 -15.41
C LYS A 26 1.63 8.90 -15.22
N LEU A 27 0.83 8.02 -14.63
CA LEU A 27 1.21 6.60 -14.50
C LEU A 27 1.40 5.99 -15.87
N ARG A 28 0.53 6.34 -16.80
CA ARG A 28 0.63 5.85 -18.16
C ARG A 28 1.85 6.44 -18.86
N GLU A 29 2.11 7.73 -18.61
CA GLU A 29 3.18 8.45 -19.31
C GLU A 29 4.58 8.04 -18.88
N ASP A 30 4.78 7.95 -17.56
CA ASP A 30 6.11 7.70 -17.01
C ASP A 30 6.36 6.19 -16.88
N ASP A 31 6.37 5.52 -18.02
CA ASP A 31 6.30 4.07 -18.05
C ASP A 31 7.66 3.39 -17.83
N GLU A 32 8.74 4.13 -17.95
CA GLU A 32 10.08 3.54 -17.92
C GLU A 32 10.60 3.25 -16.52
N TYR A 33 10.00 3.88 -15.51
CA TYR A 33 10.48 3.80 -14.14
C TYR A 33 10.65 2.35 -13.67
N ASP A 34 11.77 2.09 -13.00
CA ASP A 34 12.06 0.79 -12.38
C ASP A 34 12.00 -0.34 -13.40
N ASN A 35 12.76 -0.18 -14.47
N ASN A 35 12.77 -0.20 -14.47
CA ASN A 35 12.83 -1.17 -15.55
CA ASN A 35 12.83 -1.20 -15.52
C ASN A 35 11.46 -1.51 -16.10
C ASN A 35 11.45 -1.52 -16.11
N TYR A 36 10.69 -0.47 -16.36
CA TYR A 36 9.40 -0.56 -17.02
C TYR A 36 8.27 -1.16 -16.16
N ILE A 37 8.48 -1.22 -14.85
CA ILE A 37 7.38 -1.52 -13.95
C ILE A 37 6.40 -0.34 -13.89
N GLY A 38 6.93 0.87 -13.94
CA GLY A 38 6.13 2.06 -13.78
C GLY A 38 5.92 2.33 -12.30
N TYR A 39 5.24 3.42 -12.01
CA TYR A 39 5.13 3.92 -10.63
C TYR A 39 3.98 3.31 -9.81
N GLY A 40 3.19 2.44 -10.40
CA GLY A 40 2.03 1.91 -9.71
C GLY A 40 2.37 1.28 -8.36
N PRO A 41 3.28 0.30 -8.36
CA PRO A 41 3.59 -0.39 -7.12
C PRO A 41 4.15 0.52 -6.04
N VAL A 42 5.06 1.43 -6.38
CA VAL A 42 5.62 2.31 -5.36
C VAL A 42 4.54 3.23 -4.77
N LEU A 43 3.57 3.64 -5.57
CA LEU A 43 2.48 4.46 -5.04
C LEU A 43 1.59 3.68 -4.06
N VAL A 44 1.37 2.40 -4.33
CA VAL A 44 0.65 1.56 -3.38
C VAL A 44 1.43 1.43 -2.09
N ARG A 45 2.72 1.17 -2.18
N ARG A 45 2.73 1.15 -2.19
CA ARG A 45 3.53 1.06 -0.98
CA ARG A 45 3.59 1.06 -1.02
C ARG A 45 3.53 2.38 -0.20
C ARG A 45 3.58 2.37 -0.22
N LEU A 46 3.60 3.50 -0.91
CA LEU A 46 3.57 4.81 -0.25
C LEU A 46 2.28 4.98 0.54
N ALA A 47 1.14 4.67 -0.09
CA ALA A 47 -0.16 4.81 0.61
C ALA A 47 -0.21 3.93 1.86
N TRP A 48 0.33 2.73 1.76
CA TRP A 48 0.42 1.83 2.91
C TRP A 48 1.34 2.39 3.97
N HIS A 49 2.53 2.88 3.62
CA HIS A 49 3.44 3.36 4.66
C HIS A 49 3.01 4.62 5.35
N ILE A 50 2.29 5.51 4.66
CA ILE A 50 1.81 6.71 5.33
C ILE A 50 0.63 6.37 6.26
N SER A 51 -0.05 5.25 6.02
CA SER A 51 -1.16 4.81 6.85
C SER A 51 -0.71 3.88 7.97
N GLY A 52 0.33 3.10 7.71
CA GLY A 52 0.75 2.04 8.60
C GLY A 52 1.50 2.48 9.84
N THR A 53 1.72 3.79 9.98
CA THR A 53 2.28 4.34 11.21
C THR A 53 1.22 4.49 12.32
N TRP A 54 -0.04 4.21 11.98
CA TRP A 54 -1.14 4.43 12.91
C TRP A 54 -1.02 3.54 14.15
N ASP A 55 -1.41 4.09 15.29
CA ASP A 55 -1.51 3.32 16.52
C ASP A 55 -2.93 3.49 17.07
N LYS A 56 -3.70 2.42 17.09
CA LYS A 56 -5.08 2.47 17.56
C LYS A 56 -5.19 2.93 19.01
N HIS A 57 -4.12 2.76 19.80
CA HIS A 57 -4.19 3.04 21.23
C HIS A 57 -4.31 4.51 21.54
N ASP A 58 -3.66 5.35 20.75
CA ASP A 58 -3.66 6.79 21.02
C ASP A 58 -3.97 7.65 19.79
N ASN A 59 -4.29 7.01 18.67
CA ASN A 59 -4.55 7.67 17.40
C ASN A 59 -3.42 8.55 16.92
N THR A 60 -2.18 8.16 17.23
CA THR A 60 -1.03 8.81 16.62
C THR A 60 -0.74 8.14 15.28
N GLY A 61 0.02 8.82 14.43
CA GLY A 61 0.31 8.33 13.10
C GLY A 61 -0.94 8.31 12.23
N GLY A 62 -0.92 7.48 11.19
CA GLY A 62 -2.03 7.35 10.27
C GLY A 62 -1.96 8.35 9.12
N SER A 63 -2.83 8.17 8.14
CA SER A 63 -2.78 8.97 6.92
C SER A 63 -3.24 10.42 7.08
N TYR A 64 -4.00 10.70 8.14
CA TYR A 64 -4.72 11.98 8.19
C TYR A 64 -3.82 13.20 8.01
N GLY A 65 -2.73 13.26 8.76
CA GLY A 65 -1.94 14.48 8.88
C GLY A 65 -0.96 14.76 7.76
N GLY A 66 -0.78 13.80 6.86
CA GLY A 66 0.12 14.01 5.74
C GLY A 66 1.57 14.20 6.15
N THR A 67 1.96 13.54 7.22
CA THR A 67 3.23 13.85 7.88
C THR A 67 4.47 13.28 7.16
N TYR A 68 4.26 12.41 6.20
CA TYR A 68 5.34 11.92 5.35
C TYR A 68 6.11 13.05 4.68
N ARG A 69 5.47 14.21 4.50
CA ARG A 69 6.15 15.35 3.90
C ARG A 69 7.26 15.93 4.79
N PHE A 70 7.31 15.52 6.05
CA PHE A 70 8.32 16.00 6.98
C PHE A 70 9.52 15.06 7.07
N LYS A 71 10.69 15.65 7.25
CA LYS A 71 11.96 14.96 7.19
C LYS A 71 12.06 13.70 8.03
N LYS A 72 11.58 13.76 9.27
CA LYS A 72 11.72 12.61 10.14
C LYS A 72 11.10 11.37 9.51
N GLU A 73 9.90 11.53 8.94
N GLU A 73 9.92 11.55 8.92
CA GLU A 73 9.19 10.40 8.35
CA GLU A 73 9.19 10.44 8.33
C GLU A 73 9.70 10.09 6.94
C GLU A 73 9.71 10.04 6.95
N PHE A 74 9.96 11.14 6.17
N PHE A 74 9.97 10.99 6.06
CA PHE A 74 10.52 11.01 4.84
CA PHE A 74 10.43 10.56 4.73
C PHE A 74 11.79 10.16 4.89
C PHE A 74 11.86 10.01 4.76
N ASN A 75 12.61 10.37 5.94
N ASN A 75 12.59 10.29 5.83
CA ASN A 75 13.90 9.71 6.07
CA ASN A 75 13.91 9.70 6.05
C ASN A 75 13.87 8.42 6.89
C ASN A 75 13.88 8.43 6.91
N ASP A 76 12.69 7.96 7.27
CA ASP A 76 12.58 6.66 7.97
C ASP A 76 13.27 5.59 7.10
N PRO A 77 14.20 4.82 7.68
CA PRO A 77 14.78 3.74 6.87
C PRO A 77 13.72 2.80 6.27
N SER A 78 12.61 2.63 6.98
CA SER A 78 11.53 1.77 6.49
C SER A 78 10.88 2.34 5.23
N ASN A 79 11.11 3.64 4.97
CA ASN A 79 10.52 4.31 3.81
C ASN A 79 11.50 4.51 2.65
N ALA A 80 12.64 3.86 2.72
CA ALA A 80 13.63 4.04 1.67
C ALA A 80 13.07 3.60 0.33
N GLY A 81 13.18 4.46 -0.68
CA GLY A 81 12.63 4.20 -2.00
C GLY A 81 11.34 4.96 -2.25
N LEU A 82 10.61 5.31 -1.20
CA LEU A 82 9.33 5.96 -1.40
C LEU A 82 9.46 7.39 -1.88
N GLN A 83 10.65 7.95 -1.79
CA GLN A 83 10.88 9.28 -2.31
C GLN A 83 10.53 9.34 -3.79
N ASN A 84 10.67 8.22 -4.48
CA ASN A 84 10.29 8.14 -5.90
C ASN A 84 8.80 8.40 -6.09
N GLY A 85 8.00 7.86 -5.19
CA GLY A 85 6.55 8.06 -5.23
C GLY A 85 6.21 9.50 -4.90
N PHE A 86 6.87 10.05 -3.91
CA PHE A 86 6.65 11.44 -3.56
C PHE A 86 6.96 12.37 -4.74
N LYS A 87 8.09 12.12 -5.40
CA LYS A 87 8.49 12.96 -6.53
C LYS A 87 7.50 12.83 -7.68
N PHE A 88 6.96 11.63 -7.89
CA PHE A 88 5.94 11.42 -8.90
C PHE A 88 4.71 12.31 -8.62
N LEU A 89 4.32 12.36 -7.35
CA LEU A 89 3.12 13.12 -6.96
C LEU A 89 3.32 14.63 -6.90
N GLU A 90 4.56 15.10 -6.89
CA GLU A 90 4.82 16.53 -6.76
C GLU A 90 4.12 17.37 -7.83
N PRO A 91 4.27 17.01 -9.11
CA PRO A 91 3.59 17.85 -10.11
C PRO A 91 2.06 17.76 -10.04
N ILE A 92 1.55 16.65 -9.53
CA ILE A 92 0.13 16.53 -9.31
C ILE A 92 -0.29 17.54 -8.24
N HIS A 93 0.47 17.59 -7.15
CA HIS A 93 0.14 18.52 -6.09
C HIS A 93 0.25 19.96 -6.57
N LYS A 94 1.21 20.24 -7.45
CA LYS A 94 1.36 21.59 -7.99
C LYS A 94 0.15 22.00 -8.81
N GLU A 95 -0.37 21.06 -9.60
CA GLU A 95 -1.55 21.35 -10.40
C GLU A 95 -2.80 21.49 -9.54
N PHE A 96 -2.87 20.73 -8.45
CA PHE A 96 -4.04 20.72 -7.57
C PHE A 96 -3.60 21.05 -6.15
N PRO A 97 -3.18 22.30 -5.93
CA PRO A 97 -2.59 22.65 -4.63
C PRO A 97 -3.58 22.59 -3.46
N TRP A 98 -4.87 22.55 -3.77
CA TRP A 98 -5.93 22.50 -2.78
C TRP A 98 -6.08 21.14 -2.09
N ILE A 99 -5.55 20.07 -2.66
CA ILE A 99 -5.72 18.78 -2.03
C ILE A 99 -4.74 18.64 -0.86
N SER A 100 -5.19 18.05 0.24
CA SER A 100 -4.30 17.86 1.38
C SER A 100 -3.27 16.79 1.04
N SER A 101 -2.15 16.78 1.76
CA SER A 101 -1.12 15.80 1.50
C SER A 101 -1.60 14.36 1.76
N GLY A 102 -2.30 14.14 2.87
CA GLY A 102 -2.81 12.82 3.17
C GLY A 102 -3.82 12.34 2.12
N ASP A 103 -4.67 13.25 1.65
CA ASP A 103 -5.60 12.90 0.60
C ASP A 103 -4.83 12.52 -0.67
N LEU A 104 -3.80 13.29 -1.01
CA LEU A 104 -3.03 12.98 -2.21
C LEU A 104 -2.30 11.63 -2.12
N PHE A 105 -1.61 11.39 -1.00
CA PHE A 105 -0.87 10.13 -0.88
C PHE A 105 -1.82 8.93 -0.90
N SER A 106 -2.95 9.03 -0.21
CA SER A 106 -3.86 7.90 -0.18
C SER A 106 -4.56 7.71 -1.54
N LEU A 107 -4.94 8.81 -2.18
CA LEU A 107 -5.53 8.73 -3.50
C LEU A 107 -4.55 8.16 -4.54
N GLY A 108 -3.27 8.46 -4.37
CA GLY A 108 -2.25 7.85 -5.23
C GLY A 108 -2.29 6.34 -5.20
N GLY A 109 -2.45 5.78 -4.01
CA GLY A 109 -2.54 4.34 -3.87
C GLY A 109 -3.80 3.76 -4.48
N VAL A 110 -4.95 4.40 -4.23
CA VAL A 110 -6.20 3.98 -4.83
C VAL A 110 -6.11 4.01 -6.37
N THR A 111 -5.58 5.10 -6.92
CA THR A 111 -5.49 5.26 -8.35
C THR A 111 -4.59 4.18 -8.92
N ALA A 112 -3.45 3.92 -8.28
CA ALA A 112 -2.55 2.89 -8.76
C ALA A 112 -3.21 1.50 -8.77
N VAL A 113 -3.85 1.12 -7.67
CA VAL A 113 -4.53 -0.17 -7.64
C VAL A 113 -5.52 -0.30 -8.78
N GLN A 114 -6.37 0.72 -8.95
CA GLN A 114 -7.42 0.63 -9.97
C GLN A 114 -6.84 0.61 -11.38
N GLU A 115 -5.83 1.45 -11.63
CA GLU A 115 -5.28 1.54 -12.96
C GLU A 115 -4.52 0.26 -13.33
N MET A 116 -3.99 -0.43 -12.33
CA MET A 116 -3.34 -1.72 -12.52
C MET A 116 -4.35 -2.90 -12.60
N GLN A 117 -5.63 -2.57 -12.82
CA GLN A 117 -6.71 -3.55 -13.02
C GLN A 117 -7.11 -4.24 -11.73
N GLY A 118 -6.83 -3.60 -10.60
CA GLY A 118 -7.26 -4.11 -9.31
C GLY A 118 -8.72 -3.79 -9.05
N PRO A 119 -9.17 -4.10 -7.84
CA PRO A 119 -10.55 -3.77 -7.48
C PRO A 119 -10.78 -2.28 -7.35
N LYS A 120 -12.02 -1.87 -7.49
N LYS A 120 -12.02 -1.86 -7.51
CA LYS A 120 -12.40 -0.51 -7.11
CA LYS A 120 -12.39 -0.52 -7.10
C LYS A 120 -12.22 -0.37 -5.61
C LYS A 120 -12.16 -0.39 -5.60
N ILE A 121 -11.60 0.73 -5.19
CA ILE A 121 -11.40 1.04 -3.77
C ILE A 121 -12.14 2.34 -3.48
N PRO A 122 -13.25 2.27 -2.73
CA PRO A 122 -13.91 3.52 -2.35
C PRO A 122 -12.95 4.37 -1.56
N TRP A 123 -13.02 5.68 -1.75
CA TRP A 123 -12.09 6.61 -1.15
C TRP A 123 -12.84 7.83 -0.64
N ARG A 124 -12.43 8.29 0.52
CA ARG A 124 -13.05 9.46 1.16
C ARG A 124 -12.03 10.56 1.29
N CYS A 125 -12.48 11.80 1.05
CA CYS A 125 -11.62 12.96 1.19
C CYS A 125 -11.72 13.52 2.61
N GLY A 126 -10.87 14.49 2.90
CA GLY A 126 -10.99 15.26 4.11
C GLY A 126 -9.86 15.13 5.11
N ARG A 127 -8.79 14.42 4.75
CA ARG A 127 -7.60 14.46 5.59
C ARG A 127 -7.08 15.90 5.62
N VAL A 128 -6.53 16.35 6.75
CA VAL A 128 -6.06 17.73 6.91
C VAL A 128 -4.61 17.71 7.36
N ASP A 129 -3.75 18.46 6.69
CA ASP A 129 -2.33 18.51 7.04
C ASP A 129 -2.18 18.96 8.48
N THR A 130 -1.33 18.26 9.23
CA THR A 130 -1.03 18.63 10.62
C THR A 130 0.45 19.00 10.75
N PRO A 131 0.85 19.69 11.85
CA PRO A 131 2.20 20.25 11.92
C PRO A 131 3.32 19.23 12.10
N GLU A 132 4.55 19.69 11.92
CA GLU A 132 5.71 18.81 11.97
C GLU A 132 5.82 18.04 13.28
N ASP A 133 5.39 18.64 14.39
CA ASP A 133 5.48 17.96 15.69
C ASP A 133 4.49 16.81 15.86
N THR A 134 3.61 16.62 14.88
CA THR A 134 2.69 15.47 14.90
C THR A 134 3.23 14.26 14.13
N THR A 135 4.42 14.40 13.55
CA THR A 135 5.02 13.33 12.78
C THR A 135 5.38 12.17 13.72
N PRO A 136 4.94 10.94 13.39
CA PRO A 136 5.30 9.82 14.26
C PRO A 136 6.78 9.50 14.15
N ASP A 137 7.38 9.02 15.24
CA ASP A 137 8.76 8.54 15.21
C ASP A 137 8.90 7.35 14.27
N ASN A 138 10.13 7.13 13.80
CA ASN A 138 10.46 5.96 13.02
C ASN A 138 10.26 4.69 13.85
N GLY A 139 10.06 3.55 13.17
CA GLY A 139 10.02 2.26 13.82
C GLY A 139 8.64 1.67 14.00
N ARG A 140 7.62 2.29 13.42
CA ARG A 140 6.25 1.79 13.53
C ARG A 140 5.84 0.88 12.38
N LEU A 141 6.66 0.81 11.33
CA LEU A 141 6.37 -0.06 10.21
C LEU A 141 7.03 -1.45 10.42
N PRO A 142 6.51 -2.50 9.77
CA PRO A 142 6.93 -3.84 10.18
C PRO A 142 8.26 -4.31 9.60
N ASP A 143 8.92 -5.19 10.35
CA ASP A 143 10.12 -5.89 9.91
C ASP A 143 9.73 -7.07 9.02
N ALA A 144 10.58 -7.40 8.05
CA ALA A 144 10.32 -8.48 7.10
C ALA A 144 10.95 -9.82 7.50
N ASP A 145 11.83 -9.81 8.50
N ASP A 145 11.83 -9.80 8.50
CA ASP A 145 12.59 -11.02 8.85
CA ASP A 145 12.60 -10.98 8.88
C ASP A 145 11.94 -11.88 9.94
C ASP A 145 11.97 -11.75 10.04
N LYS A 146 10.66 -11.66 10.19
CA LYS A 146 9.96 -12.22 11.32
C LYS A 146 8.97 -13.31 10.93
N ASP A 147 8.29 -13.86 11.93
CA ASP A 147 7.39 -15.00 11.75
C ASP A 147 5.92 -14.60 11.87
N ALA A 148 5.05 -15.60 11.80
CA ALA A 148 3.61 -15.35 11.77
C ALA A 148 3.12 -14.68 13.05
N GLY A 149 3.67 -15.07 14.19
CA GLY A 149 3.23 -14.48 15.44
C GLY A 149 3.53 -12.99 15.50
N TYR A 150 4.68 -12.61 14.95
CA TYR A 150 5.07 -11.21 14.84
C TYR A 150 4.10 -10.45 13.96
N VAL A 151 3.80 -11.01 12.79
CA VAL A 151 2.88 -10.38 11.83
C VAL A 151 1.51 -10.17 12.49
N ARG A 152 1.01 -11.21 13.15
CA ARG A 152 -0.33 -11.16 13.73
C ARG A 152 -0.37 -10.07 14.82
N THR A 153 0.61 -10.08 15.71
CA THR A 153 0.67 -9.07 16.77
C THR A 153 0.84 -7.67 16.19
N PHE A 154 1.72 -7.54 15.21
CA PHE A 154 1.98 -6.23 14.64
C PHE A 154 0.71 -5.59 14.13
N PHE A 155 -0.07 -6.36 13.38
CA PHE A 155 -1.25 -5.82 12.74
C PHE A 155 -2.42 -5.57 13.68
N GLN A 156 -2.38 -6.13 14.88
CA GLN A 156 -3.37 -5.77 15.88
C GLN A 156 -3.32 -4.27 16.19
N ARG A 157 -2.12 -3.67 16.09
CA ARG A 157 -1.99 -2.24 16.37
C ARG A 157 -2.73 -1.38 15.35
N LEU A 158 -2.88 -1.93 14.15
CA LEU A 158 -3.64 -1.32 13.06
C LEU A 158 -5.08 -1.81 13.01
N ASN A 159 -5.51 -2.50 14.05
CA ASN A 159 -6.88 -3.05 14.10
C ASN A 159 -7.23 -3.97 12.92
N MET A 160 -6.26 -4.75 12.46
CA MET A 160 -6.48 -5.71 11.40
C MET A 160 -6.47 -7.13 11.95
N ASN A 161 -7.39 -7.96 11.45
CA ASN A 161 -7.51 -9.35 11.86
C ASN A 161 -6.81 -10.26 10.82
N ASP A 162 -6.87 -11.57 11.05
N ASP A 162 -6.90 -11.57 11.00
CA ASP A 162 -6.14 -12.51 10.20
CA ASP A 162 -6.18 -12.47 10.10
C ASP A 162 -6.54 -12.38 8.72
C ASP A 162 -6.56 -12.30 8.62
N ARG A 163 -7.84 -12.19 8.48
N ARG A 163 -7.86 -12.26 8.33
CA ARG A 163 -8.32 -12.12 7.11
CA ARG A 163 -8.29 -12.15 6.95
C ARG A 163 -7.89 -10.84 6.42
C ARG A 163 -7.80 -10.84 6.32
N GLU A 164 -7.89 -9.74 7.18
N GLU A 164 -7.90 -9.76 7.09
CA GLU A 164 -7.46 -8.46 6.65
CA GLU A 164 -7.46 -8.46 6.62
C GLU A 164 -5.96 -8.42 6.37
C GLU A 164 -5.95 -8.45 6.34
N VAL A 165 -5.18 -9.04 7.24
CA VAL A 165 -3.73 -9.14 7.05
C VAL A 165 -3.41 -9.92 5.79
N VAL A 166 -4.01 -11.09 5.64
CA VAL A 166 -3.69 -11.92 4.50
C VAL A 166 -4.12 -11.24 3.19
N ALA A 167 -5.28 -10.57 3.21
CA ALA A 167 -5.74 -9.84 2.04
C ALA A 167 -4.77 -8.71 1.68
N LEU A 168 -4.40 -7.89 2.68
CA LEU A 168 -3.49 -6.77 2.41
C LEU A 168 -2.15 -7.24 1.83
N MET A 169 -1.65 -8.37 2.31
CA MET A 169 -0.35 -8.85 1.85
C MET A 169 -0.36 -9.24 0.37
N GLY A 170 -1.54 -9.48 -0.19
CA GLY A 170 -1.66 -9.77 -1.61
C GLY A 170 -1.11 -8.68 -2.51
N ALA A 171 -0.98 -7.46 -1.98
CA ALA A 171 -0.32 -6.39 -2.70
C ALA A 171 1.13 -6.72 -3.09
N HIS A 172 1.72 -7.73 -2.45
CA HIS A 172 3.09 -8.14 -2.79
C HIS A 172 3.17 -8.87 -4.11
N ALA A 173 2.04 -9.04 -4.79
CA ALA A 173 2.05 -9.41 -6.19
C ALA A 173 2.60 -8.28 -7.07
N LEU A 174 2.67 -7.07 -6.54
CA LEU A 174 3.08 -5.90 -7.31
C LEU A 174 4.54 -5.55 -7.11
N GLY A 175 5.20 -5.11 -8.17
CA GLY A 175 6.53 -4.52 -8.05
C GLY A 175 7.59 -5.51 -7.62
N LYS A 176 8.60 -5.00 -6.91
N LYS A 176 8.60 -5.00 -6.92
CA LYS A 176 9.71 -5.83 -6.50
CA LYS A 176 9.72 -5.84 -6.50
C LYS A 176 10.43 -5.22 -5.31
C LYS A 176 10.44 -5.22 -5.32
N THR A 177 11.28 -6.03 -4.68
CA THR A 177 12.20 -5.52 -3.67
C THR A 177 13.45 -4.99 -4.37
N HIS A 178 14.18 -4.12 -3.69
CA HIS A 178 15.41 -3.55 -4.20
C HIS A 178 16.43 -3.61 -3.10
N LEU A 179 17.57 -4.24 -3.37
CA LEU A 179 18.53 -4.51 -2.31
C LEU A 179 18.93 -3.23 -1.58
N LYS A 180 19.12 -2.15 -2.34
CA LYS A 180 19.54 -0.88 -1.75
C LYS A 180 18.50 -0.25 -0.84
N ASN A 181 17.22 -0.57 -1.05
CA ASN A 181 16.17 0.00 -0.22
C ASN A 181 15.97 -0.79 1.06
N SER A 182 15.89 -2.11 0.94
CA SER A 182 15.36 -2.94 2.02
C SER A 182 16.24 -4.10 2.44
N GLY A 183 17.31 -4.37 1.69
CA GLY A 183 18.10 -5.56 1.96
C GLY A 183 17.50 -6.87 1.46
N TYR A 184 16.54 -6.77 0.53
CA TYR A 184 15.94 -7.93 -0.14
C TYR A 184 16.05 -7.69 -1.63
N GLU A 185 16.10 -8.76 -2.42
N GLU A 185 16.14 -8.78 -2.41
CA GLU A 185 16.12 -8.60 -3.88
CA GLU A 185 16.18 -8.63 -3.86
C GLU A 185 15.17 -9.55 -4.58
C GLU A 185 15.23 -9.60 -4.56
N GLY A 186 14.60 -9.08 -5.69
N GLY A 186 14.59 -9.11 -5.62
CA GLY A 186 13.72 -9.91 -6.50
CA GLY A 186 13.72 -9.94 -6.44
C GLY A 186 12.25 -9.61 -6.32
C GLY A 186 12.25 -9.63 -6.28
N GLY A 187 11.43 -10.40 -6.98
CA GLY A 187 10.01 -10.14 -7.04
C GLY A 187 9.53 -10.34 -8.46
N GLY A 188 8.22 -10.40 -8.65
CA GLY A 188 7.64 -10.65 -9.96
C GLY A 188 7.77 -9.49 -10.93
N ALA A 189 8.03 -8.30 -10.40
N ALA A 189 8.03 -8.30 -10.39
CA ALA A 189 8.13 -7.09 -11.22
CA ALA A 189 8.14 -7.07 -11.18
C ALA A 189 6.86 -6.88 -12.05
C ALA A 189 6.85 -6.85 -11.98
N ASN A 190 5.73 -7.26 -11.48
N ASN A 190 5.73 -7.24 -11.41
CA ASN A 190 4.44 -7.15 -12.17
CA ASN A 190 4.45 -7.12 -12.08
C ASN A 190 3.83 -5.79 -11.88
C ASN A 190 3.80 -5.78 -11.78
N ASN A 191 3.08 -5.27 -12.83
N ASN A 191 3.08 -5.26 -12.77
CA ASN A 191 2.31 -4.05 -12.63
CA ASN A 191 2.30 -4.04 -12.59
C ASN A 191 0.83 -4.25 -12.95
C ASN A 191 0.83 -4.25 -12.94
N VAL A 192 0.38 -5.49 -12.80
CA VAL A 192 -1.03 -5.84 -12.95
C VAL A 192 -1.45 -6.50 -11.64
N PHE A 193 -2.54 -6.01 -11.07
CA PHE A 193 -3.04 -6.47 -9.77
C PHE A 193 -3.83 -7.77 -9.95
N THR A 194 -3.36 -8.84 -9.33
CA THR A 194 -4.01 -10.16 -9.41
C THR A 194 -3.84 -10.82 -8.06
N ASN A 195 -4.39 -12.04 -7.94
CA ASN A 195 -4.19 -12.88 -6.76
C ASN A 195 -2.97 -13.79 -6.87
N GLU A 196 -2.02 -13.44 -7.72
CA GLU A 196 -0.90 -14.35 -7.93
C GLU A 196 0.04 -14.51 -6.73
N PHE A 197 0.03 -13.59 -5.78
CA PHE A 197 0.86 -13.76 -4.56
C PHE A 197 0.52 -15.11 -3.89
N TYR A 198 -0.78 -15.40 -3.80
CA TYR A 198 -1.27 -16.58 -3.12
C TYR A 198 -0.99 -17.84 -3.94
N LEU A 199 -1.20 -17.77 -5.25
CA LEU A 199 -0.90 -18.89 -6.11
C LEU A 199 0.60 -19.20 -6.06
N ASN A 200 1.43 -18.18 -6.06
CA ASN A 200 2.87 -18.40 -5.99
C ASN A 200 3.27 -19.04 -4.66
N LEU A 201 2.72 -18.55 -3.56
CA LEU A 201 3.00 -19.14 -2.26
C LEU A 201 2.72 -20.63 -2.27
N LEU A 202 1.57 -21.03 -2.82
CA LEU A 202 1.14 -22.42 -2.74
C LEU A 202 1.77 -23.32 -3.78
N ASN A 203 2.11 -22.77 -4.93
CA ASN A 203 2.48 -23.60 -6.08
C ASN A 203 3.95 -23.64 -6.42
N GLU A 204 4.75 -22.70 -5.96
CA GLU A 204 6.16 -22.67 -6.31
C GLU A 204 6.96 -23.57 -5.38
N ASP A 205 8.14 -23.96 -5.85
CA ASP A 205 9.09 -24.73 -5.05
C ASP A 205 10.08 -23.77 -4.38
N TRP A 206 9.86 -23.53 -3.09
CA TRP A 206 10.55 -22.46 -2.35
C TRP A 206 11.79 -22.97 -1.62
N LYS A 207 12.89 -22.24 -1.73
CA LYS A 207 14.13 -22.56 -1.04
C LYS A 207 14.57 -21.36 -0.22
N LEU A 208 14.95 -21.61 1.03
CA LEU A 208 15.40 -20.56 1.93
C LEU A 208 16.86 -20.26 1.67
N GLU A 209 17.13 -19.07 1.15
CA GLU A 209 18.47 -18.71 0.71
C GLU A 209 18.89 -17.42 1.40
N LYS A 210 20.18 -17.12 1.34
CA LYS A 210 20.69 -15.83 1.77
C LYS A 210 20.98 -14.99 0.53
N ASN A 211 20.54 -13.74 0.58
CA ASN A 211 20.79 -12.81 -0.50
C ASN A 211 22.10 -12.07 -0.30
N ASP A 212 22.41 -11.15 -1.20
CA ASP A 212 23.72 -10.49 -1.17
C ASP A 212 23.86 -9.49 -0.02
N ALA A 213 22.77 -9.21 0.68
CA ALA A 213 22.84 -8.38 1.88
C ALA A 213 22.90 -9.25 3.14
N ASN A 214 23.08 -10.56 2.95
CA ASN A 214 23.16 -11.52 4.04
C ASN A 214 21.86 -11.71 4.82
N ASN A 215 20.74 -11.42 4.17
CA ASN A 215 19.43 -11.67 4.75
C ASN A 215 18.78 -12.87 4.12
N GLU A 216 18.02 -13.62 4.90
CA GLU A 216 17.29 -14.77 4.38
C GLU A 216 16.01 -14.36 3.64
N GLN A 217 15.78 -15.03 2.52
CA GLN A 217 14.53 -14.87 1.78
C GLN A 217 14.26 -16.19 1.06
N TRP A 218 13.00 -16.42 0.74
CA TRP A 218 12.59 -17.64 0.05
C TRP A 218 12.58 -17.37 -1.44
N ASP A 219 13.27 -18.21 -2.21
CA ASP A 219 13.39 -18.05 -3.65
C ASP A 219 12.86 -19.28 -4.38
N SER A 220 12.25 -19.08 -5.54
CA SER A 220 11.81 -20.22 -6.34
C SER A 220 12.67 -20.31 -7.59
N LYS A 221 12.71 -21.51 -8.16
CA LYS A 221 13.53 -21.71 -9.35
C LYS A 221 12.96 -20.90 -10.50
N SER A 222 11.65 -20.67 -10.48
CA SER A 222 10.99 -19.83 -11.47
C SER A 222 11.40 -18.38 -11.37
N GLY A 223 12.09 -18.01 -10.30
CA GLY A 223 12.59 -16.65 -10.13
C GLY A 223 11.76 -15.73 -9.24
N TYR A 224 10.78 -16.27 -8.53
CA TYR A 224 10.00 -15.47 -7.58
C TYR A 224 10.70 -15.44 -6.22
N MET A 225 10.25 -14.55 -5.34
CA MET A 225 10.76 -14.50 -3.99
C MET A 225 9.63 -14.20 -3.02
N MET A 226 9.85 -14.58 -1.78
CA MET A 226 8.98 -14.25 -0.67
C MET A 226 9.83 -13.83 0.52
N LEU A 227 9.37 -12.78 1.19
CA LEU A 227 9.98 -12.39 2.44
C LEU A 227 9.64 -13.43 3.51
N PRO A 228 10.45 -13.52 4.56
CA PRO A 228 10.03 -14.40 5.67
C PRO A 228 8.62 -14.13 6.19
N THR A 229 8.22 -12.87 6.27
CA THR A 229 6.86 -12.57 6.73
C THR A 229 5.80 -13.03 5.74
N ASP A 230 6.09 -13.01 4.44
CA ASP A 230 5.18 -13.56 3.43
C ASP A 230 5.04 -15.07 3.64
N TYR A 231 6.17 -15.73 3.78
CA TYR A 231 6.17 -17.18 3.85
C TYR A 231 5.48 -17.64 5.11
N SER A 232 5.50 -16.79 6.14
CA SER A 232 4.83 -17.14 7.37
C SER A 232 3.33 -17.37 7.19
N LEU A 233 2.76 -16.79 6.13
CA LEU A 233 1.34 -16.97 5.86
C LEU A 233 0.97 -18.39 5.42
N ILE A 234 1.97 -19.18 5.02
CA ILE A 234 1.72 -20.60 4.77
C ILE A 234 2.30 -21.50 5.86
N GLN A 235 3.03 -20.95 6.82
CA GLN A 235 3.53 -21.73 7.95
C GLN A 235 2.51 -21.78 9.07
N ASP A 236 1.70 -20.73 9.20
CA ASP A 236 0.69 -20.64 10.23
C ASP A 236 -0.61 -21.25 9.69
N PRO A 237 -1.23 -22.17 10.44
CA PRO A 237 -2.37 -22.87 9.83
C PRO A 237 -3.60 -21.98 9.61
N LYS A 238 -3.77 -20.93 10.43
CA LYS A 238 -4.90 -20.04 10.25
C LYS A 238 -4.69 -19.16 9.02
N TYR A 239 -3.50 -18.61 8.88
CA TYR A 239 -3.20 -17.86 7.68
C TYR A 239 -3.26 -18.73 6.42
N LEU A 240 -2.79 -19.97 6.53
CA LEU A 240 -2.76 -20.86 5.37
C LEU A 240 -4.15 -21.06 4.76
N SER A 241 -5.16 -21.26 5.61
N SER A 241 -5.17 -21.24 5.61
CA SER A 241 -6.50 -21.46 5.10
CA SER A 241 -6.49 -21.49 5.09
C SER A 241 -6.94 -20.27 4.24
C SER A 241 -7.06 -20.28 4.34
N ILE A 242 -6.61 -19.07 4.70
CA ILE A 242 -7.04 -17.86 4.01
C ILE A 242 -6.26 -17.68 2.71
N VAL A 243 -4.96 -18.00 2.72
CA VAL A 243 -4.17 -18.01 1.50
C VAL A 243 -4.81 -18.92 0.45
N LYS A 244 -5.22 -20.12 0.85
CA LYS A 244 -5.87 -21.04 -0.06
C LYS A 244 -7.19 -20.47 -0.60
N GLU A 245 -7.94 -19.80 0.27
CA GLU A 245 -9.19 -19.20 -0.18
C GLU A 245 -8.94 -18.17 -1.29
N TYR A 246 -7.99 -17.28 -1.07
CA TYR A 246 -7.73 -16.23 -2.05
C TYR A 246 -7.06 -16.76 -3.31
N ALA A 247 -6.24 -17.80 -3.18
CA ALA A 247 -5.66 -18.45 -4.36
C ALA A 247 -6.74 -19.05 -5.25
N ASN A 248 -7.88 -19.39 -4.67
CA ASN A 248 -8.97 -20.07 -5.36
C ASN A 248 -10.19 -19.22 -5.67
N ASP A 249 -10.12 -17.93 -5.41
CA ASP A 249 -11.26 -17.05 -5.64
C ASP A 249 -10.79 -15.61 -5.81
N GLN A 250 -10.52 -15.28 -7.07
CA GLN A 250 -10.06 -13.95 -7.44
C GLN A 250 -10.99 -12.83 -6.97
N ASP A 251 -12.29 -13.04 -7.16
CA ASP A 251 -13.26 -12.03 -6.80
C ASP A 251 -13.30 -11.79 -5.30
N LYS A 252 -13.26 -12.86 -4.51
CA LYS A 252 -13.24 -12.73 -3.07
C LYS A 252 -12.00 -11.98 -2.58
N PHE A 253 -10.84 -12.30 -3.14
CA PHE A 253 -9.64 -11.55 -2.83
C PHE A 253 -9.83 -10.07 -3.15
N PHE A 254 -10.33 -9.77 -4.35
CA PHE A 254 -10.52 -8.37 -4.72
C PHE A 254 -11.43 -7.65 -3.75
N LYS A 255 -12.55 -8.27 -3.41
CA LYS A 255 -13.49 -7.62 -2.49
C LYS A 255 -12.92 -7.41 -1.10
N ASP A 256 -12.24 -8.42 -0.58
CA ASP A 256 -11.62 -8.30 0.73
C ASP A 256 -10.46 -7.33 0.75
N PHE A 257 -9.63 -7.33 -0.29
CA PHE A 257 -8.54 -6.37 -0.37
C PHE A 257 -9.10 -4.94 -0.39
N SER A 258 -10.15 -4.73 -1.19
CA SER A 258 -10.72 -3.39 -1.31
C SER A 258 -11.18 -2.87 0.06
N LYS A 259 -11.90 -3.72 0.81
CA LYS A 259 -12.34 -3.32 2.14
C LYS A 259 -11.18 -3.06 3.09
N ALA A 260 -10.18 -3.93 3.09
CA ALA A 260 -9.08 -3.79 4.03
C ALA A 260 -8.21 -2.58 3.69
N PHE A 261 -8.01 -2.33 2.39
CA PHE A 261 -7.17 -1.22 1.95
C PHE A 261 -7.87 0.10 2.25
N GLU A 262 -9.17 0.20 2.00
CA GLU A 262 -9.89 1.40 2.39
C GLU A 262 -9.80 1.61 3.91
N LYS A 263 -10.00 0.56 4.69
CA LYS A 263 -9.90 0.67 6.12
C LYS A 263 -8.52 1.15 6.57
N LEU A 264 -7.47 0.57 6.01
CA LEU A 264 -6.11 0.98 6.31
C LEU A 264 -5.91 2.49 6.07
N LEU A 265 -6.42 2.96 4.92
N LEU A 265 -6.42 2.96 4.92
CA LEU A 265 -6.25 4.35 4.51
CA LEU A 265 -6.25 4.35 4.51
C LEU A 265 -7.08 5.31 5.37
C LEU A 265 -7.12 5.32 5.31
N GLU A 266 -8.13 4.78 5.99
CA GLU A 266 -9.04 5.59 6.79
C GLU A 266 -8.86 5.47 8.29
N ASN A 267 -8.00 4.57 8.74
CA ASN A 267 -7.78 4.41 10.17
C ASN A 267 -7.40 5.74 10.81
N GLY A 268 -8.03 6.07 11.93
CA GLY A 268 -7.72 7.25 12.70
C GLY A 268 -8.60 8.44 12.38
N ILE A 269 -9.42 8.33 11.34
CA ILE A 269 -10.22 9.46 10.87
C ILE A 269 -11.66 9.33 11.30
N THR A 270 -12.19 10.39 11.90
CA THR A 270 -13.60 10.49 12.22
C THR A 270 -14.32 11.20 11.09
N PHE A 271 -15.26 10.52 10.47
CA PHE A 271 -16.07 11.12 9.41
C PHE A 271 -17.39 11.60 10.00
N PRO A 272 -17.67 12.92 9.90
CA PRO A 272 -18.95 13.47 10.36
C PRO A 272 -20.13 12.74 9.74
N LYS A 273 -21.26 12.73 10.44
CA LYS A 273 -22.46 12.03 9.98
C LYS A 273 -22.90 12.55 8.62
N ASP A 274 -22.66 13.83 8.36
CA ASP A 274 -23.05 14.46 7.09
C ASP A 274 -21.90 14.59 6.08
N ALA A 275 -20.82 13.84 6.28
CA ALA A 275 -19.75 13.80 5.31
C ALA A 275 -20.26 13.19 4.00
N PRO A 276 -19.61 13.52 2.88
CA PRO A 276 -20.02 12.83 1.64
C PRO A 276 -19.80 11.33 1.74
N SER A 277 -20.57 10.56 0.97
CA SER A 277 -20.32 9.14 0.85
C SER A 277 -18.97 8.92 0.17
N PRO A 278 -18.38 7.74 0.38
CA PRO A 278 -17.14 7.44 -0.32
C PRO A 278 -17.30 7.54 -1.83
N PHE A 279 -16.24 8.01 -2.47
CA PHE A 279 -16.22 8.14 -3.91
C PHE A 279 -15.66 6.87 -4.53
N ILE A 280 -16.24 6.46 -5.65
CA ILE A 280 -15.69 5.37 -6.46
C ILE A 280 -15.34 5.96 -7.82
N PHE A 281 -14.05 6.12 -8.05
CA PHE A 281 -13.56 6.76 -9.25
C PHE A 281 -13.56 5.83 -10.44
N LYS A 282 -13.90 6.37 -11.60
CA LYS A 282 -13.81 5.62 -12.85
C LYS A 282 -12.36 5.56 -13.31
N THR A 283 -11.96 4.44 -13.88
CA THR A 283 -10.62 4.34 -14.44
C THR A 283 -10.54 5.13 -15.73
N LEU A 284 -9.33 5.40 -16.20
CA LEU A 284 -9.18 6.02 -17.52
C LEU A 284 -9.88 5.19 -18.59
N GLU A 285 -9.69 3.87 -18.51
CA GLU A 285 -10.29 2.97 -19.47
C GLU A 285 -11.82 3.09 -19.49
N GLU A 286 -12.43 3.16 -18.31
CA GLU A 286 -13.89 3.32 -18.24
C GLU A 286 -14.35 4.65 -18.81
N GLN A 287 -13.50 5.67 -18.75
CA GLN A 287 -13.85 7.00 -19.25
C GLN A 287 -13.52 7.19 -20.72
N GLY A 288 -12.86 6.21 -21.32
CA GLY A 288 -12.44 6.35 -22.69
C GLY A 288 -11.28 7.31 -22.87
N LEU A 289 -10.48 7.49 -21.82
CA LEU A 289 -9.35 8.40 -21.84
C LEU A 289 -8.01 7.66 -21.92
CHA HEM B . 7.54 -3.72 -1.04
CHB HEM B . 7.87 -5.43 3.46
CHC HEM B . 3.10 -5.21 3.91
CHD HEM B . 2.82 -3.16 -0.45
C1A HEM B . 8.05 -4.16 0.15
C2A HEM B . 9.44 -4.34 0.43
C3A HEM B . 9.54 -4.83 1.68
C4A HEM B . 8.20 -4.96 2.21
CMA HEM B . 10.82 -5.18 2.45
CAA HEM B . 10.57 -4.01 -0.54
CBA HEM B . 10.90 -2.51 -0.55
CGA HEM B . 12.01 -2.24 -1.53
O1A HEM B . 13.07 -2.89 -1.44
O2A HEM B . 11.85 -1.37 -2.42
C1B HEM B . 6.61 -5.58 3.98
C2B HEM B . 6.28 -6.20 5.24
C3B HEM B . 4.94 -6.15 5.38
C4B HEM B . 4.40 -5.50 4.18
CMB HEM B . 7.35 -6.74 6.19
CAB HEM B . 4.06 -6.68 6.51
CBB HEM B . 4.42 -7.64 7.36
C1C HEM B . 2.60 -4.55 2.80
C2C HEM B . 1.25 -4.11 2.63
C3C HEM B . 1.17 -3.51 1.44
C4C HEM B . 2.48 -3.60 0.80
CMC HEM B . 0.17 -4.26 3.72
CAC HEM B . -0.04 -2.84 0.75
CBC HEM B . -1.32 -3.17 0.95
C1D HEM B . 4.05 -3.23 -1.05
C2D HEM B . 4.35 -2.96 -2.44
C3D HEM B . 5.65 -3.12 -2.63
C4D HEM B . 6.22 -3.50 -1.34
CMD HEM B . 3.29 -2.62 -3.48
CAD HEM B . 6.46 -2.95 -3.93
CBD HEM B . 7.06 -1.55 -4.00
CGD HEM B . 7.91 -1.33 -5.24
O1D HEM B . 7.85 -2.15 -6.20
O2D HEM B . 8.66 -0.31 -5.29
NA HEM B . 7.32 -4.55 1.24
NB HEM B . 5.46 -5.17 3.35
NC HEM B . 3.33 -4.20 1.70
ND HEM B . 5.22 -3.58 -0.41
FE HEM B . 5.31 -4.50 1.42
HHB HEM B . 8.62 -5.68 4.04
HHC HEM B . 2.43 -5.50 4.58
HHD HEM B . 2.10 -2.75 -0.98
HMA HEM B . 11.31 -5.88 1.96
HMAA HEM B . 10.58 -5.53 3.34
HMAB HEM B . 11.38 -4.39 2.54
HAA HEM B . 10.30 -4.27 -1.44
HAAA HEM B . 11.37 -4.50 -0.29
HBA HEM B . 11.17 -2.25 0.33
HBAA HEM B . 10.11 -2.02 -0.81
HMB HEM B . 6.94 -7.11 6.99
HMBA HEM B . 7.96 -6.02 6.44
HMBB HEM B . 7.86 -7.44 5.74
HAB HEM B . 3.18 -6.29 6.61
HBB HEM B . 3.83 -7.93 8.05
HBBA HEM B . 5.31 -8.05 7.28
HMC HEM B . -0.67 -3.89 3.40
HMCA HEM B . 0.45 -3.79 4.52
HMCB HEM B . 0.06 -5.21 3.92
HAC HEM B . 0.14 -2.12 0.14
HBC HEM B . -2.02 -2.70 0.49
HBCA HEM B . -1.54 -3.89 1.56
HMD HEM B . 3.72 -2.47 -4.35
HMDA HEM B . 2.82 -1.80 -3.21
HMDB HEM B . 2.64 -3.34 -3.55
HAD HEM B . 5.89 -3.09 -4.69
HADA HEM B . 7.18 -3.61 -3.95
HBD HEM B . 7.63 -1.41 -3.22
HBDA HEM B . 6.34 -0.89 -3.99
HHA HEM B . 8.19 -3.55 -1.75
C01 7WG C . 7.61 -9.17 -1.57
C02 7WG C . 7.64 -8.83 -2.88
N03 7WG C . 7.08 -9.85 -3.63
C04 7WG C . 6.76 -10.82 -2.76
N05 7WG C . 7.07 -10.43 -1.51
N06 7WG C . 6.18 -11.99 -3.08
C07 7WG C . 8.08 -7.59 -3.55
C08 7WG C . 8.05 -6.32 -2.80
C09 7WG C . 7.01 -6.58 -3.90
H011 7WG C . 7.92 -8.67 -0.85
H031 7WG C . 6.98 -9.86 -4.48
H061 7WG C . 6.66 -12.63 -3.37
H062 7WG C . 5.34 -12.09 -2.97
H071 7WG C . 8.79 -7.67 -4.20
H081 7WG C . 7.87 -6.55 -1.88
H082 7WG C . 8.90 -5.87 -3.01
H091 7WG C . 7.17 -5.90 -4.57
H092 7WG C . 6.15 -6.59 -3.46
#